data_1KJ1
#
_entry.id   1KJ1
#
_cell.length_a   201.831
_cell.length_b   43.516
_cell.length_c   78.736
_cell.angle_alpha   90.00
_cell.angle_beta   112.26
_cell.angle_gamma   90.00
#
_symmetry.space_group_name_H-M   'C 1 2 1'
#
loop_
_entity.id
_entity.type
_entity.pdbx_description
1 polymer 'lectin I'
2 polymer 'lectin II'
3 non-polymer alpha-D-mannopyranose
4 water water
#
loop_
_entity_poly.entity_id
_entity_poly.type
_entity_poly.pdbx_seq_one_letter_code
_entity_poly.pdbx_strand_id
1 'polypeptide(L)'
;RNLLTNGEGLYAGQSLDVEPYHFIMQEDCNLVLYDHSTSVWASNTGILGKKGCKAVLQSDGNFVVYDAEGRSLWASHSVR
GNGNYVLVLQEDGNVVIYGSDIWSTGTYK
;
A,P
2 'polypeptide(L)'
;RNILMNDEGLYAGQSLDVEPYHLIMQEDCNLVLYDHSTAVWTTNTDIPGKKGCKAVLQSDGNFVVYDAEGRSLWASHSVR
GNGNYVLVLQEDGNVVIYGSDIWSTNTYK
;
D,Q
#
# COMPACT_ATOMS: atom_id res chain seq x y z
N ARG A 1 5.60 16.15 16.76
CA ARG A 1 4.53 16.74 15.90
C ARG A 1 4.92 16.71 14.43
N ASN A 2 3.95 16.43 13.57
CA ASN A 2 4.20 16.36 12.14
C ASN A 2 3.28 17.29 11.35
N LEU A 3 2.37 17.98 12.04
CA LEU A 3 1.46 18.87 11.32
C LEU A 3 0.99 20.09 12.10
N LEU A 4 0.44 21.05 11.37
CA LEU A 4 -0.08 22.28 11.95
C LEU A 4 -1.44 22.58 11.35
N THR A 5 -2.39 22.90 12.20
CA THR A 5 -3.74 23.26 11.75
C THR A 5 -3.91 24.76 11.98
N ASN A 6 -5.03 25.30 11.50
CA ASN A 6 -5.36 26.72 11.64
C ASN A 6 -4.95 27.34 12.97
N GLY A 7 -4.15 28.40 12.93
CA GLY A 7 -3.76 29.06 14.15
C GLY A 7 -2.56 28.48 14.89
N GLU A 8 -2.09 27.32 14.46
CA GLU A 8 -0.93 26.74 15.10
C GLU A 8 0.33 27.19 14.38
N GLY A 9 1.43 27.20 15.11
CA GLY A 9 2.68 27.61 14.50
C GLY A 9 3.89 27.13 15.27
N LEU A 10 5.06 27.46 14.76
CA LEU A 10 6.32 27.10 15.37
C LEU A 10 6.98 28.37 15.89
N TYR A 11 7.33 28.38 17.18
CA TYR A 11 8.01 29.53 17.77
C TYR A 11 9.49 29.21 17.62
N ALA A 12 10.36 30.21 17.76
CA ALA A 12 11.80 29.98 17.63
C ALA A 12 12.22 28.76 18.44
N GLY A 13 12.93 27.84 17.79
CA GLY A 13 13.38 26.64 18.46
C GLY A 13 12.45 25.45 18.28
N GLN A 14 11.21 25.71 17.85
CA GLN A 14 10.23 24.65 17.66
C GLN A 14 10.29 24.01 16.29
N SER A 15 9.89 22.74 16.20
CA SER A 15 9.95 22.04 14.94
C SER A 15 8.99 20.87 14.77
N LEU A 16 8.83 20.41 13.53
CA LEU A 16 8.01 19.27 13.22
C LEU A 16 9.08 18.22 12.91
N ASP A 17 8.84 16.99 13.37
CA ASP A 17 9.80 15.90 13.15
C ASP A 17 9.13 14.61 12.70
N VAL A 18 9.69 13.99 11.68
CA VAL A 18 9.20 12.70 11.18
C VAL A 18 10.45 11.99 10.66
N GLU A 19 10.76 10.83 11.24
CA GLU A 19 11.94 10.08 10.84
C GLU A 19 13.17 11.01 11.00
N PRO A 20 14.11 11.03 10.01
CA PRO A 20 15.22 11.96 10.26
C PRO A 20 14.94 13.37 9.72
N TYR A 21 13.70 13.61 9.29
CA TYR A 21 13.33 14.90 8.74
C TYR A 21 12.97 15.89 9.85
N HIS A 22 13.43 17.11 9.68
CA HIS A 22 13.22 18.14 10.66
C HIS A 22 12.93 19.51 10.03
N PHE A 23 11.74 20.03 10.31
CA PHE A 23 11.30 21.33 9.81
C PHE A 23 11.26 22.24 11.03
N ILE A 24 12.17 23.22 11.05
CA ILE A 24 12.29 24.08 12.22
C ILE A 24 12.34 25.59 12.00
N MET A 25 11.77 26.33 12.94
CA MET A 25 11.80 27.78 12.93
C MET A 25 12.98 28.10 13.84
N GLN A 26 14.12 28.46 13.27
CA GLN A 26 15.34 28.73 14.05
C GLN A 26 15.43 30.12 14.71
N GLU A 27 16.37 30.26 15.66
CA GLU A 27 16.56 31.53 16.36
C GLU A 27 17.20 32.59 15.48
N ASP A 28 17.56 32.22 14.24
CA ASP A 28 18.13 33.21 13.34
C ASP A 28 17.02 33.66 12.37
N CYS A 29 15.81 33.16 12.63
CA CYS A 29 14.62 33.50 11.85
C CYS A 29 14.57 32.82 10.47
N ASN A 30 15.38 31.80 10.28
CA ASN A 30 15.40 31.07 9.02
C ASN A 30 14.52 29.83 9.23
N LEU A 31 13.66 29.51 8.25
CA LEU A 31 12.78 28.35 8.32
C LEU A 31 13.53 27.32 7.49
N VAL A 32 13.91 26.22 8.12
CA VAL A 32 14.72 25.20 7.45
C VAL A 32 14.23 23.74 7.58
N LEU A 33 14.38 22.99 6.49
CA LEU A 33 14.03 21.58 6.46
C LEU A 33 15.37 20.81 6.38
N TYR A 34 15.59 19.90 7.33
CA TYR A 34 16.82 19.12 7.40
C TYR A 34 16.60 17.61 7.28
N ASP A 35 17.53 16.96 6.59
CA ASP A 35 17.51 15.50 6.49
C ASP A 35 18.76 15.28 7.35
N HIS A 36 18.57 14.77 8.56
CA HIS A 36 19.67 14.57 9.50
C HIS A 36 20.20 15.97 9.85
N SER A 37 21.47 16.25 9.58
CA SER A 37 22.01 17.57 9.89
C SER A 37 22.22 18.37 8.61
N THR A 38 21.82 17.77 7.49
CA THR A 38 21.97 18.42 6.20
C THR A 38 20.75 19.24 5.80
N SER A 39 20.98 20.54 5.61
CA SER A 39 19.91 21.43 5.20
C SER A 39 19.45 21.05 3.80
N VAL A 40 18.15 21.08 3.55
CA VAL A 40 17.62 20.72 2.25
C VAL A 40 16.88 21.88 1.60
N TRP A 41 16.10 22.60 2.39
CA TRP A 41 15.32 23.71 1.88
C TRP A 41 15.31 24.77 2.96
N ALA A 42 15.11 26.03 2.56
CA ALA A 42 15.07 27.12 3.54
C ALA A 42 14.43 28.37 2.95
N SER A 43 13.85 29.20 3.83
CA SER A 43 13.22 30.42 3.38
C SER A 43 14.27 31.52 3.11
N ASN A 44 15.53 31.22 3.42
CA ASN A 44 16.64 32.17 3.19
C ASN A 44 16.33 33.52 3.83
N THR A 45 15.82 33.47 5.05
CA THR A 45 15.45 34.67 5.78
C THR A 45 16.22 34.77 7.09
N GLY A 46 17.37 34.10 7.15
CA GLY A 46 18.15 34.12 8.37
C GLY A 46 19.09 35.31 8.58
N ILE A 47 19.23 35.69 9.83
CA ILE A 47 20.09 36.79 10.25
C ILE A 47 20.53 36.47 11.66
N LEU A 48 21.82 36.23 11.86
CA LEU A 48 22.33 35.91 13.19
C LEU A 48 21.85 36.93 14.19
N GLY A 49 21.25 36.43 15.27
CA GLY A 49 20.74 37.29 16.32
C GLY A 49 19.27 37.67 16.22
N LYS A 50 18.66 37.41 15.06
CA LYS A 50 17.25 37.74 14.80
C LYS A 50 16.37 36.68 15.48
N LYS A 51 16.29 36.73 16.80
CA LYS A 51 15.52 35.75 17.53
C LYS A 51 14.04 36.12 17.74
N GLY A 52 13.24 35.13 18.13
CA GLY A 52 11.84 35.38 18.39
C GLY A 52 10.86 35.36 17.23
N CYS A 53 11.26 34.81 16.09
CA CYS A 53 10.37 34.73 14.95
C CYS A 53 9.36 33.59 15.14
N LYS A 54 8.26 33.65 14.38
CA LYS A 54 7.19 32.64 14.44
C LYS A 54 6.64 32.30 13.06
N ALA A 55 6.39 31.01 12.84
CA ALA A 55 5.81 30.53 11.59
C ALA A 55 4.38 30.11 11.94
N VAL A 56 3.40 30.51 11.14
CA VAL A 56 2.00 30.18 11.43
C VAL A 56 1.13 29.88 10.21
N LEU A 57 0.40 28.76 10.24
CA LEU A 57 -0.52 28.41 9.14
C LEU A 57 -1.80 29.18 9.48
N GLN A 58 -2.23 30.06 8.59
CA GLN A 58 -3.40 30.87 8.85
C GLN A 58 -4.72 30.40 8.22
N SER A 59 -5.81 31.06 8.60
CA SER A 59 -7.16 30.75 8.10
C SER A 59 -7.29 30.93 6.58
N ASP A 60 -6.50 31.83 6.02
CA ASP A 60 -6.55 32.07 4.58
C ASP A 60 -5.72 31.06 3.78
N GLY A 61 -5.09 30.12 4.48
CA GLY A 61 -4.27 29.12 3.82
C GLY A 61 -2.86 29.61 3.57
N ASN A 62 -2.51 30.73 4.18
CA ASN A 62 -1.19 31.31 4.02
C ASN A 62 -0.28 30.91 5.18
N PHE A 63 0.91 30.45 4.85
CA PHE A 63 1.90 30.04 5.84
C PHE A 63 2.87 31.22 5.95
N VAL A 64 2.87 31.89 7.09
CA VAL A 64 3.69 33.08 7.28
C VAL A 64 4.69 33.08 8.44
N VAL A 65 5.84 33.73 8.22
CA VAL A 65 6.86 33.86 9.25
C VAL A 65 6.81 35.34 9.69
N TYR A 66 6.74 35.59 10.99
CA TYR A 66 6.67 36.94 11.53
C TYR A 66 7.86 37.17 12.45
N ASP A 67 8.25 38.43 12.67
CA ASP A 67 9.37 38.70 13.57
C ASP A 67 8.89 38.97 15.00
N ALA A 68 9.84 39.21 15.90
CA ALA A 68 9.52 39.47 17.31
C ALA A 68 8.36 40.45 17.43
N GLU A 69 8.21 41.31 16.43
CA GLU A 69 7.12 42.28 16.43
C GLU A 69 5.85 41.59 16.00
N GLY A 70 5.69 41.50 14.68
CA GLY A 70 4.52 40.88 14.10
C GLY A 70 4.60 41.24 12.64
N ARG A 71 5.79 41.65 12.22
CA ARG A 71 6.00 42.00 10.83
C ARG A 71 6.36 40.74 10.06
N SER A 72 5.77 40.62 8.87
CA SER A 72 6.01 39.48 8.01
C SER A 72 7.43 39.49 7.47
N LEU A 73 7.97 38.31 7.17
CA LEU A 73 9.31 38.17 6.62
C LEU A 73 9.32 37.26 5.42
N TRP A 74 8.40 36.31 5.44
CA TRP A 74 8.29 35.34 4.35
C TRP A 74 6.91 34.74 4.44
N ALA A 75 6.41 34.27 3.29
CA ALA A 75 5.11 33.65 3.20
C ALA A 75 5.02 32.86 1.91
N SER A 76 4.39 31.69 1.98
CA SER A 76 4.21 30.85 0.82
C SER A 76 3.30 31.55 -0.17
N HIS A 77 2.58 32.56 0.31
CA HIS A 77 1.63 33.31 -0.50
C HIS A 77 0.68 32.35 -1.19
N SER A 78 0.10 31.49 -0.38
CA SER A 78 -0.85 30.49 -0.84
C SER A 78 -2.23 30.83 -0.28
N VAL A 79 -2.55 32.12 -0.21
CA VAL A 79 -3.84 32.56 0.29
C VAL A 79 -4.92 32.09 -0.69
N ARG A 80 -5.94 31.44 -0.15
CA ARG A 80 -7.02 30.94 -0.98
C ARG A 80 -8.38 31.26 -0.37
N GLY A 81 -8.38 32.04 0.70
CA GLY A 81 -9.62 32.41 1.35
C GLY A 81 -9.83 31.67 2.66
N ASN A 82 -10.76 32.16 3.47
CA ASN A 82 -11.06 31.55 4.75
C ASN A 82 -11.36 30.06 4.58
N GLY A 83 -11.03 29.28 5.59
CA GLY A 83 -11.29 27.85 5.53
C GLY A 83 -10.46 27.10 6.55
N ASN A 84 -10.34 25.79 6.37
CA ASN A 84 -9.54 24.96 7.26
C ASN A 84 -8.39 24.38 6.46
N TYR A 85 -7.18 24.57 6.96
CA TYR A 85 -6.00 24.07 6.28
C TYR A 85 -5.08 23.33 7.22
N VAL A 86 -4.07 22.68 6.65
CA VAL A 86 -3.11 21.94 7.45
C VAL A 86 -1.76 21.89 6.73
N LEU A 87 -0.69 21.96 7.49
CA LEU A 87 0.65 21.86 6.92
C LEU A 87 1.22 20.56 7.46
N VAL A 88 1.77 19.72 6.59
CA VAL A 88 2.32 18.47 7.03
C VAL A 88 3.72 18.12 6.51
N LEU A 89 4.54 17.63 7.43
CA LEU A 89 5.89 17.20 7.10
C LEU A 89 5.64 15.73 6.81
N GLN A 90 5.71 15.38 5.53
CA GLN A 90 5.47 14.02 5.06
C GLN A 90 6.65 13.07 5.10
N GLU A 91 6.34 11.78 5.16
CA GLU A 91 7.33 10.72 5.21
C GLU A 91 8.18 10.69 3.94
N ASP A 92 7.74 11.38 2.90
CA ASP A 92 8.49 11.39 1.67
C ASP A 92 9.42 12.60 1.57
N GLY A 93 9.57 13.34 2.65
CA GLY A 93 10.46 14.49 2.66
C GLY A 93 9.86 15.80 2.18
N ASN A 94 8.61 15.74 1.73
CA ASN A 94 7.92 16.92 1.24
C ASN A 94 7.15 17.60 2.38
N VAL A 95 7.01 18.93 2.29
CA VAL A 95 6.25 19.70 3.27
C VAL A 95 5.10 20.21 2.41
N VAL A 96 3.86 19.96 2.84
CA VAL A 96 2.71 20.35 2.04
C VAL A 96 1.57 21.01 2.82
N ILE A 97 0.89 21.94 2.17
CA ILE A 97 -0.27 22.60 2.76
C ILE A 97 -1.45 22.03 1.97
N TYR A 98 -2.48 21.55 2.68
CA TYR A 98 -3.63 20.93 2.02
C TYR A 98 -4.97 21.67 1.95
N GLY A 99 -5.46 21.76 0.71
CA GLY A 99 -6.71 22.41 0.33
C GLY A 99 -7.60 23.00 1.38
N SER A 100 -8.67 22.30 1.72
CA SER A 100 -9.58 22.73 2.75
C SER A 100 -10.30 21.44 3.11
N ASP A 101 -11.08 21.46 4.18
CA ASP A 101 -11.77 20.23 4.55
C ASP A 101 -12.86 19.90 3.54
N ILE A 102 -12.91 18.64 3.14
CA ILE A 102 -13.92 18.18 2.20
C ILE A 102 -14.86 17.19 2.92
N TRP A 103 -14.43 16.74 4.10
CA TRP A 103 -15.23 15.79 4.88
C TRP A 103 -14.65 15.62 6.30
N SER A 104 -15.53 15.39 7.27
CA SER A 104 -15.12 15.18 8.65
C SER A 104 -16.20 14.41 9.42
N THR A 105 -15.82 13.77 10.52
CA THR A 105 -16.80 13.03 11.33
C THR A 105 -17.57 14.01 12.19
N GLY A 106 -16.98 15.17 12.43
CA GLY A 106 -17.62 16.18 13.24
C GLY A 106 -17.64 15.79 14.71
N THR A 107 -16.59 15.11 15.16
CA THR A 107 -16.52 14.68 16.55
C THR A 107 -15.55 15.50 17.40
N TYR A 108 -15.43 16.79 17.09
CA TYR A 108 -14.55 17.65 17.86
C TYR A 108 -15.19 17.91 19.22
N LYS A 109 -14.38 17.81 20.26
CA LYS A 109 -14.84 17.99 21.62
C LYS A 109 -14.13 19.15 22.29
N ARG B 1 0.69 6.39 14.38
CA ARG B 1 0.30 7.02 13.07
C ARG B 1 -0.99 7.83 13.24
N ASN B 2 -0.99 9.05 12.70
CA ASN B 2 -2.15 9.92 12.82
C ASN B 2 -2.76 10.39 11.48
N ILE B 3 -2.21 9.94 10.37
CA ILE B 3 -2.76 10.34 9.07
C ILE B 3 -2.67 9.26 8.01
N LEU B 4 -3.51 9.38 6.98
CA LEU B 4 -3.50 8.48 5.84
C LEU B 4 -3.38 9.40 4.64
N MET B 5 -2.59 8.99 3.65
CA MET B 5 -2.44 9.78 2.45
C MET B 5 -3.03 9.02 1.27
N ASN B 6 -3.02 9.63 0.09
CA ASN B 6 -3.55 8.99 -1.10
C ASN B 6 -3.22 7.50 -1.18
N ASP B 7 -4.27 6.70 -1.29
CA ASP B 7 -4.15 5.25 -1.42
C ASP B 7 -3.57 4.48 -0.25
N GLU B 8 -3.54 5.06 0.93
CA GLU B 8 -3.05 4.34 2.09
C GLU B 8 -4.30 3.89 2.83
N GLY B 9 -4.18 2.84 3.62
CA GLY B 9 -5.34 2.37 4.34
C GLY B 9 -5.08 1.67 5.66
N LEU B 10 -6.16 1.45 6.40
CA LEU B 10 -6.12 0.77 7.68
C LEU B 10 -6.62 -0.64 7.44
N TYR B 11 -5.79 -1.62 7.77
CA TYR B 11 -6.15 -3.02 7.60
C TYR B 11 -6.65 -3.57 8.91
N ALA B 12 -7.29 -4.74 8.84
CA ALA B 12 -7.84 -5.36 10.03
C ALA B 12 -6.85 -5.31 11.18
N GLY B 13 -7.26 -4.72 12.29
CA GLY B 13 -6.37 -4.63 13.45
C GLY B 13 -5.55 -3.35 13.53
N GLN B 14 -5.43 -2.64 12.42
CA GLN B 14 -4.66 -1.40 12.37
C GLN B 14 -5.43 -0.20 12.87
N SER B 15 -4.71 0.87 13.22
CA SER B 15 -5.36 2.05 13.74
C SER B 15 -4.50 3.33 13.66
N LEU B 16 -5.16 4.45 13.92
CA LEU B 16 -4.52 5.76 13.97
C LEU B 16 -4.70 6.07 15.45
N ASP B 17 -3.66 6.57 16.11
CA ASP B 17 -3.78 6.82 17.53
C ASP B 17 -3.24 8.16 17.99
N VAL B 18 -4.15 9.01 18.44
CA VAL B 18 -3.82 10.32 18.97
C VAL B 18 -4.52 10.31 20.32
N GLU B 19 -3.91 9.61 21.26
CA GLU B 19 -4.42 9.46 22.62
C GLU B 19 -5.10 10.75 23.06
N PRO B 20 -6.30 10.65 23.64
CA PRO B 20 -7.09 9.45 23.92
C PRO B 20 -7.91 8.85 22.78
N TYR B 21 -7.85 9.47 21.60
CA TYR B 21 -8.63 8.99 20.46
C TYR B 21 -8.00 7.81 19.69
N HIS B 22 -8.84 6.93 19.16
CA HIS B 22 -8.38 5.76 18.41
C HIS B 22 -9.31 5.43 17.26
N LEU B 23 -8.81 5.51 16.04
CA LEU B 23 -9.60 5.14 14.88
C LEU B 23 -9.09 3.79 14.47
N ILE B 24 -9.90 2.77 14.67
CA ILE B 24 -9.49 1.41 14.38
C ILE B 24 -10.39 0.62 13.43
N MET B 25 -9.76 -0.05 12.45
CA MET B 25 -10.45 -0.89 11.50
C MET B 25 -10.45 -2.27 12.17
N GLN B 26 -11.53 -2.57 12.87
CA GLN B 26 -11.67 -3.82 13.62
C GLN B 26 -11.81 -5.11 12.81
N GLU B 27 -11.45 -6.23 13.44
CA GLU B 27 -11.55 -7.54 12.81
C GLU B 27 -12.97 -7.88 12.34
N ASP B 28 -13.96 -7.22 12.95
CA ASP B 28 -15.36 -7.46 12.60
C ASP B 28 -15.85 -6.56 11.45
N CYS B 29 -14.91 -5.94 10.75
CA CYS B 29 -15.20 -5.05 9.62
C CYS B 29 -15.88 -3.75 9.96
N ASN B 30 -15.88 -3.38 11.23
CA ASN B 30 -16.49 -2.14 11.64
C ASN B 30 -15.36 -1.13 11.88
N LEU B 31 -15.49 0.05 11.29
CA LEU B 31 -14.50 1.11 11.48
C LEU B 31 -15.04 1.97 12.63
N VAL B 32 -14.30 2.06 13.73
CA VAL B 32 -14.79 2.83 14.85
C VAL B 32 -13.81 3.82 15.49
N LEU B 33 -14.36 4.95 15.93
CA LEU B 33 -13.59 6.00 16.57
C LEU B 33 -13.95 5.97 18.06
N TYR B 34 -12.96 5.74 18.90
CA TYR B 34 -13.18 5.70 20.34
C TYR B 34 -12.51 6.86 21.04
N ASP B 35 -13.18 7.33 22.09
CA ASP B 35 -12.67 8.40 22.95
C ASP B 35 -12.39 7.58 24.20
N HIS B 36 -11.11 7.28 24.44
CA HIS B 36 -10.73 6.43 25.57
C HIS B 36 -11.24 5.05 25.18
N SER B 37 -12.30 4.59 25.84
CA SER B 37 -12.87 3.28 25.54
C SER B 37 -14.31 3.39 25.00
N THR B 38 -14.80 4.62 24.88
CA THR B 38 -16.16 4.82 24.39
C THR B 38 -16.22 5.10 22.89
N ALA B 39 -17.09 4.39 22.21
CA ALA B 39 -17.27 4.58 20.78
C ALA B 39 -18.04 5.89 20.60
N VAL B 40 -17.62 6.71 19.64
CA VAL B 40 -18.28 7.98 19.40
C VAL B 40 -18.65 8.12 17.94
N TRP B 41 -18.00 7.33 17.10
CA TRP B 41 -18.28 7.34 15.67
C TRP B 41 -18.05 5.94 15.10
N THR B 42 -18.86 5.59 14.11
CA THR B 42 -18.75 4.27 13.51
C THR B 42 -19.24 4.29 12.07
N THR B 43 -18.70 3.38 11.29
CA THR B 43 -19.05 3.23 9.90
C THR B 43 -20.29 2.32 9.87
N ASN B 44 -20.53 1.64 10.98
CA ASN B 44 -21.67 0.75 11.14
C ASN B 44 -21.63 -0.33 10.06
N THR B 45 -20.49 -1.01 9.95
CA THR B 45 -20.34 -2.06 8.95
C THR B 45 -19.93 -3.40 9.53
N ASP B 46 -20.29 -3.63 10.79
CA ASP B 46 -19.99 -4.91 11.42
C ASP B 46 -21.02 -5.95 10.98
N ILE B 47 -21.16 -6.09 9.65
CA ILE B 47 -22.08 -7.05 9.06
C ILE B 47 -21.66 -8.47 9.42
N PRO B 48 -22.64 -9.35 9.67
CA PRO B 48 -22.33 -10.74 10.03
C PRO B 48 -21.70 -11.51 8.87
N GLY B 49 -20.62 -12.22 9.16
CA GLY B 49 -19.95 -12.99 8.12
C GLY B 49 -18.80 -12.26 7.44
N LYS B 50 -18.66 -10.97 7.74
CA LYS B 50 -17.60 -10.15 7.15
C LYS B 50 -16.33 -10.14 7.98
N LYS B 51 -15.19 -10.24 7.30
CA LYS B 51 -13.90 -10.22 7.99
C LYS B 51 -12.79 -9.87 6.99
N GLY B 52 -11.74 -9.20 7.47
CA GLY B 52 -10.65 -8.81 6.59
C GLY B 52 -10.97 -7.61 5.72
N CYS B 53 -11.67 -6.62 6.29
CA CYS B 53 -12.01 -5.42 5.55
C CYS B 53 -10.90 -4.40 5.71
N LYS B 54 -10.91 -3.38 4.88
CA LYS B 54 -9.89 -2.34 4.93
C LYS B 54 -10.49 -0.98 4.62
N ALA B 55 -10.00 0.05 5.31
CA ALA B 55 -10.46 1.42 5.10
C ALA B 55 -9.38 2.16 4.31
N VAL B 56 -9.72 2.73 3.16
CA VAL B 56 -8.71 3.42 2.36
C VAL B 56 -9.09 4.79 1.83
N LEU B 57 -8.15 5.73 1.97
CA LEU B 57 -8.34 7.08 1.47
C LEU B 57 -8.00 6.99 -0.01
N GLN B 58 -8.95 7.36 -0.86
CA GLN B 58 -8.73 7.28 -2.29
C GLN B 58 -8.27 8.57 -2.96
N SER B 59 -7.54 8.38 -4.06
CA SER B 59 -6.99 9.47 -4.85
C SER B 59 -8.04 10.46 -5.33
N ASP B 60 -9.31 10.07 -5.27
CA ASP B 60 -10.38 10.95 -5.72
C ASP B 60 -11.03 11.71 -4.54
N GLY B 61 -10.46 11.53 -3.35
CA GLY B 61 -10.96 12.22 -2.18
C GLY B 61 -11.95 11.42 -1.37
N ASN B 62 -12.41 10.31 -1.93
CA ASN B 62 -13.38 9.46 -1.25
C ASN B 62 -12.69 8.52 -0.26
N PHE B 63 -13.31 8.34 0.90
CA PHE B 63 -12.81 7.46 1.95
C PHE B 63 -13.80 6.29 2.02
N VAL B 64 -13.34 5.10 1.65
CA VAL B 64 -14.23 3.95 1.62
C VAL B 64 -13.76 2.67 2.30
N VAL B 65 -14.71 2.01 2.99
CA VAL B 65 -14.46 0.74 3.67
C VAL B 65 -14.80 -0.39 2.70
N TYR B 66 -13.84 -1.27 2.45
CA TYR B 66 -14.05 -2.39 1.53
C TYR B 66 -13.99 -3.72 2.24
N ASP B 67 -14.72 -4.70 1.71
CA ASP B 67 -14.73 -6.05 2.27
C ASP B 67 -13.65 -6.85 1.54
N ALA B 68 -13.30 -8.01 2.09
CA ALA B 68 -12.27 -8.85 1.48
C ALA B 68 -12.36 -8.95 -0.03
N GLU B 69 -13.58 -8.99 -0.57
CA GLU B 69 -13.77 -9.11 -2.00
C GLU B 69 -13.79 -7.79 -2.76
N GLY B 70 -13.43 -6.70 -2.10
CA GLY B 70 -13.42 -5.41 -2.75
C GLY B 70 -14.76 -4.72 -2.95
N ARG B 71 -15.74 -5.07 -2.13
CA ARG B 71 -17.06 -4.42 -2.25
C ARG B 71 -17.15 -3.22 -1.30
N SER B 72 -17.86 -2.18 -1.76
CA SER B 72 -18.05 -0.97 -0.97
C SER B 72 -19.06 -1.19 0.14
N LEU B 73 -18.57 -1.31 1.36
CA LEU B 73 -19.44 -1.49 2.50
C LEU B 73 -19.90 -0.10 2.95
N TRP B 74 -18.98 0.87 2.91
CA TRP B 74 -19.28 2.23 3.32
C TRP B 74 -18.38 3.26 2.64
N ALA B 75 -18.85 4.50 2.57
CA ALA B 75 -18.09 5.57 1.95
C ALA B 75 -18.43 6.91 2.57
N SER B 76 -17.51 7.86 2.44
CA SER B 76 -17.70 9.21 2.96
C SER B 76 -18.39 10.02 1.87
N HIS B 77 -18.36 9.48 0.65
CA HIS B 77 -18.97 10.13 -0.50
C HIS B 77 -18.36 11.52 -0.64
N SER B 78 -17.07 11.59 -0.40
CA SER B 78 -16.32 12.83 -0.49
C SER B 78 -15.48 12.87 -1.76
N VAL B 79 -16.07 12.41 -2.86
CA VAL B 79 -15.38 12.40 -4.14
C VAL B 79 -15.31 13.84 -4.65
N ARG B 80 -14.10 14.27 -5.00
CA ARG B 80 -13.88 15.62 -5.50
C ARG B 80 -12.94 15.64 -6.69
N GLY B 81 -12.71 14.48 -7.29
CA GLY B 81 -11.82 14.42 -8.43
C GLY B 81 -10.44 14.01 -8.01
N ASN B 82 -9.53 13.88 -8.97
CA ASN B 82 -8.18 13.47 -8.65
C ASN B 82 -7.26 14.57 -8.15
N GLY B 83 -6.51 14.24 -7.11
CA GLY B 83 -5.58 15.18 -6.51
C GLY B 83 -4.82 14.52 -5.37
N ASN B 84 -4.45 15.32 -4.38
CA ASN B 84 -3.72 14.83 -3.23
C ASN B 84 -4.54 15.14 -1.99
N TYR B 85 -4.81 14.12 -1.19
CA TYR B 85 -5.63 14.30 0.00
C TYR B 85 -4.98 13.66 1.20
N VAL B 86 -5.47 14.03 2.38
CA VAL B 86 -4.95 13.48 3.60
C VAL B 86 -6.01 13.44 4.68
N LEU B 87 -6.16 12.27 5.29
CA LEU B 87 -7.12 12.10 6.36
C LEU B 87 -6.31 12.13 7.64
N VAL B 88 -6.78 12.88 8.63
CA VAL B 88 -6.04 12.96 9.89
C VAL B 88 -6.92 12.87 11.14
N LEU B 89 -6.38 12.24 12.17
CA LEU B 89 -7.06 12.13 13.46
C LEU B 89 -6.47 13.31 14.22
N GLN B 90 -7.27 14.35 14.44
CA GLN B 90 -6.80 15.54 15.14
C GLN B 90 -6.86 15.46 16.64
N GLU B 91 -6.08 16.30 17.31
CA GLU B 91 -6.03 16.32 18.76
C GLU B 91 -7.36 16.76 19.38
N ASP B 92 -8.25 17.31 18.57
CA ASP B 92 -9.54 17.74 19.09
C ASP B 92 -10.59 16.63 18.99
N GLY B 93 -10.15 15.43 18.58
CA GLY B 93 -11.08 14.32 18.46
C GLY B 93 -11.77 14.19 17.12
N ASN B 94 -11.59 15.17 16.25
CA ASN B 94 -12.22 15.14 14.94
C ASN B 94 -11.36 14.40 13.89
N VAL B 95 -12.01 13.72 12.95
CA VAL B 95 -11.32 13.02 11.87
C VAL B 95 -11.62 13.84 10.61
N VAL B 96 -10.58 14.39 9.99
CA VAL B 96 -10.75 15.27 8.84
C VAL B 96 -9.96 14.92 7.58
N ILE B 97 -10.61 15.09 6.43
CA ILE B 97 -9.96 14.86 5.14
C ILE B 97 -9.70 16.22 4.50
N TYR B 98 -8.44 16.60 4.37
CA TYR B 98 -8.08 17.89 3.77
C TYR B 98 -7.84 17.70 2.27
N GLY B 99 -8.66 18.40 1.49
CA GLY B 99 -8.65 18.27 0.04
C GLY B 99 -7.77 19.05 -0.89
N SER B 100 -6.80 18.31 -1.43
CA SER B 100 -5.82 18.79 -2.41
C SER B 100 -4.85 19.89 -2.02
N ASP B 101 -3.59 19.61 -2.27
CA ASP B 101 -2.47 20.50 -1.98
C ASP B 101 -2.61 21.88 -2.62
N ILE B 102 -2.29 22.92 -1.87
CA ILE B 102 -2.35 24.28 -2.40
C ILE B 102 -0.94 24.87 -2.42
N TRP B 103 0.00 24.19 -1.77
CA TRP B 103 1.39 24.64 -1.72
C TRP B 103 2.32 23.59 -1.14
N SER B 104 3.58 23.60 -1.59
CA SER B 104 4.56 22.66 -1.10
C SER B 104 6.00 23.13 -1.34
N THR B 105 6.91 22.60 -0.54
CA THR B 105 8.32 22.96 -0.67
C THR B 105 8.88 22.24 -1.89
N ASN B 106 8.18 21.19 -2.32
CA ASN B 106 8.60 20.42 -3.48
C ASN B 106 9.90 19.71 -3.16
N THR B 107 10.00 19.19 -1.95
CA THR B 107 11.20 18.52 -1.50
C THR B 107 11.12 16.99 -1.39
N TYR B 108 10.14 16.37 -2.04
CA TYR B 108 10.02 14.91 -1.94
C TYR B 108 11.23 14.15 -2.48
N LYS B 109 11.55 13.04 -1.84
CA LYS B 109 12.66 12.20 -2.23
C LYS B 109 12.09 10.93 -2.87
N ARG C 1 -9.37 -14.09 -6.92
CA ARG C 1 -7.98 -14.04 -6.37
C ARG C 1 -7.30 -15.38 -6.61
N ASN C 2 -6.06 -15.35 -7.09
CA ASN C 2 -5.36 -16.60 -7.36
C ASN C 2 -4.10 -16.85 -6.57
N LEU C 3 -3.68 -15.89 -5.76
CA LEU C 3 -2.47 -16.10 -4.99
C LEU C 3 -2.42 -15.45 -3.61
N LEU C 4 -1.49 -15.94 -2.78
CA LEU C 4 -1.31 -15.44 -1.43
C LEU C 4 0.18 -15.14 -1.19
N THR C 5 0.49 -13.92 -0.77
CA THR C 5 1.87 -13.56 -0.49
C THR C 5 2.08 -13.56 1.01
N ASN C 6 3.27 -13.19 1.44
CA ASN C 6 3.62 -13.14 2.85
C ASN C 6 2.55 -12.48 3.72
N GLY C 7 2.21 -13.13 4.83
CA GLY C 7 1.22 -12.60 5.74
C GLY C 7 -0.21 -12.62 5.26
N GLU C 8 -0.44 -13.03 4.00
CA GLU C 8 -1.81 -13.08 3.49
C GLU C 8 -2.47 -14.40 3.83
N GLY C 9 -3.80 -14.42 3.92
CA GLY C 9 -4.50 -15.64 4.24
C GLY C 9 -5.95 -15.65 3.81
N LEU C 10 -6.64 -16.74 4.11
CA LEU C 10 -8.05 -16.89 3.79
C LEU C 10 -8.79 -17.10 5.10
N TYR C 11 -9.79 -16.26 5.35
CA TYR C 11 -10.61 -16.38 6.56
C TYR C 11 -11.66 -17.42 6.17
N ALA C 12 -12.38 -17.96 7.16
CA ALA C 12 -13.41 -18.95 6.87
C ALA C 12 -14.39 -18.42 5.84
N GLY C 13 -14.68 -19.24 4.83
CA GLY C 13 -15.59 -18.83 3.78
C GLY C 13 -14.89 -18.26 2.57
N GLN C 14 -13.62 -17.88 2.72
CA GLN C 14 -12.85 -17.30 1.61
C GLN C 14 -12.12 -18.36 0.80
N SER C 15 -11.81 -18.01 -0.45
CA SER C 15 -11.12 -18.96 -1.32
C SER C 15 -10.32 -18.32 -2.44
N LEU C 16 -9.60 -19.18 -3.15
CA LEU C 16 -8.83 -18.76 -4.32
C LEU C 16 -9.63 -19.40 -5.45
N ASP C 17 -9.87 -18.63 -6.51
CA ASP C 17 -10.64 -19.14 -7.64
C ASP C 17 -9.91 -19.01 -8.97
N VAL C 18 -9.90 -20.11 -9.72
CA VAL C 18 -9.26 -20.17 -11.03
C VAL C 18 -10.05 -21.15 -11.91
N GLU C 19 -10.80 -20.61 -12.87
CA GLU C 19 -11.61 -21.42 -13.78
C GLU C 19 -12.53 -22.35 -12.96
N PRO C 20 -12.58 -23.68 -13.24
CA PRO C 20 -13.51 -24.41 -12.38
C PRO C 20 -12.89 -24.89 -11.05
N TYR C 21 -11.71 -24.38 -10.72
CA TYR C 21 -11.01 -24.78 -9.51
C TYR C 21 -11.27 -23.84 -8.34
N HIS C 22 -11.40 -24.45 -7.16
CA HIS C 22 -11.72 -23.72 -5.94
C HIS C 22 -10.85 -24.21 -4.76
N PHE C 23 -10.09 -23.30 -4.15
CA PHE C 23 -9.26 -23.65 -3.00
C PHE C 23 -9.82 -22.82 -1.84
N ILE C 24 -10.61 -23.47 -0.99
CA ILE C 24 -11.28 -22.76 0.08
C ILE C 24 -11.06 -23.18 1.53
N MET C 25 -11.10 -22.19 2.40
CA MET C 25 -10.99 -22.35 3.85
C MET C 25 -12.45 -22.33 4.30
N GLN C 26 -13.04 -23.51 4.48
CA GLN C 26 -14.44 -23.64 4.85
C GLN C 26 -14.80 -23.30 6.29
N GLU C 27 -16.10 -23.08 6.53
CA GLU C 27 -16.57 -22.74 7.88
C GLU C 27 -16.58 -23.95 8.79
N ASP C 28 -16.17 -25.11 8.27
CA ASP C 28 -16.10 -26.31 9.09
C ASP C 28 -14.63 -26.57 9.39
N CYS C 29 -13.80 -25.59 9.04
CA CYS C 29 -12.35 -25.64 9.25
C CYS C 29 -11.57 -26.62 8.38
N ASN C 30 -12.17 -27.07 7.29
CA ASN C 30 -11.50 -27.99 6.36
C ASN C 30 -10.99 -27.18 5.15
N LEU C 31 -9.73 -27.38 4.78
CA LEU C 31 -9.15 -26.68 3.64
C LEU C 31 -9.34 -27.64 2.47
N VAL C 32 -10.12 -27.20 1.48
CA VAL C 32 -10.44 -28.05 0.34
C VAL C 32 -10.20 -27.46 -1.05
N LEU C 33 -9.76 -28.34 -1.95
CA LEU C 33 -9.52 -27.98 -3.34
C LEU C 33 -10.60 -28.68 -4.14
N TYR C 34 -11.50 -27.90 -4.74
CA TYR C 34 -12.60 -28.45 -5.54
C TYR C 34 -12.39 -28.29 -7.04
N ASP C 35 -12.93 -29.26 -7.78
CA ASP C 35 -12.93 -29.29 -9.23
C ASP C 35 -14.44 -29.25 -9.47
N HIS C 36 -14.95 -28.11 -9.93
CA HIS C 36 -16.39 -27.94 -10.12
C HIS C 36 -16.97 -28.17 -8.74
N SER C 37 -17.68 -29.26 -8.52
CA SER C 37 -18.24 -29.48 -7.20
C SER C 37 -17.57 -30.67 -6.49
N THR C 38 -16.59 -31.26 -7.15
CA THR C 38 -15.90 -32.42 -6.59
C THR C 38 -14.70 -32.14 -5.71
N SER C 39 -14.73 -32.75 -4.52
CA SER C 39 -13.65 -32.61 -3.55
C SER C 39 -12.41 -33.38 -4.05
N VAL C 40 -11.39 -32.66 -4.49
CA VAL C 40 -10.18 -33.30 -5.01
C VAL C 40 -9.06 -33.53 -3.99
N TRP C 41 -8.92 -32.62 -3.04
CA TRP C 41 -7.87 -32.70 -2.04
C TRP C 41 -8.38 -31.91 -0.84
N ALA C 42 -8.01 -32.33 0.37
CA ALA C 42 -8.43 -31.62 1.57
C ALA C 42 -7.43 -31.83 2.71
N SER C 43 -7.47 -30.95 3.70
CA SER C 43 -6.57 -31.04 4.84
C SER C 43 -7.10 -32.08 5.83
N ASN C 44 -8.34 -32.50 5.63
CA ASN C 44 -8.97 -33.49 6.50
C ASN C 44 -9.06 -33.02 7.96
N THR C 45 -9.39 -31.76 8.15
CA THR C 45 -9.52 -31.21 9.48
C THR C 45 -10.91 -30.61 9.62
N GLY C 46 -11.85 -31.16 8.88
CA GLY C 46 -13.22 -30.68 8.91
C GLY C 46 -14.04 -31.19 10.09
N ILE C 47 -14.65 -30.26 10.81
CA ILE C 47 -15.47 -30.61 11.95
C ILE C 47 -16.68 -29.71 11.91
N LEU C 48 -17.83 -30.31 11.65
CA LEU C 48 -19.06 -29.56 11.55
C LEU C 48 -19.26 -28.62 12.75
N GLY C 49 -19.31 -27.32 12.44
CA GLY C 49 -19.49 -26.31 13.48
C GLY C 49 -18.24 -25.57 13.88
N LYS C 50 -17.08 -26.03 13.43
CA LYS C 50 -15.82 -25.39 13.80
C LYS C 50 -15.48 -24.24 12.85
N LYS C 51 -16.12 -23.09 13.07
CA LYS C 51 -15.88 -21.93 12.22
C LYS C 51 -14.81 -21.02 12.83
N GLY C 52 -14.45 -19.97 12.10
CA GLY C 52 -13.44 -19.05 12.58
C GLY C 52 -12.01 -19.45 12.26
N CYS C 53 -11.82 -20.56 11.54
CA CYS C 53 -10.46 -20.97 11.18
C CYS C 53 -9.85 -20.03 10.15
N LYS C 54 -8.53 -20.07 10.04
CA LYS C 54 -7.80 -19.21 9.12
C LYS C 54 -6.57 -19.92 8.52
N ALA C 55 -6.38 -19.74 7.22
CA ALA C 55 -5.24 -20.32 6.50
C ALA C 55 -4.36 -19.16 6.07
N VAL C 56 -3.07 -19.21 6.40
CA VAL C 56 -2.16 -18.13 6.07
C VAL C 56 -0.74 -18.56 5.64
N LEU C 57 -0.18 -17.86 4.65
CA LEU C 57 1.18 -18.16 4.21
C LEU C 57 2.07 -17.29 5.10
N GLN C 58 3.04 -17.93 5.75
CA GLN C 58 3.92 -17.22 6.66
C GLN C 58 5.29 -16.93 6.05
N SER C 59 5.98 -15.95 6.64
CA SER C 59 7.31 -15.52 6.19
C SER C 59 8.34 -16.61 6.25
N ASP C 60 8.01 -17.71 6.90
CA ASP C 60 8.96 -18.82 7.05
C ASP C 60 8.76 -19.91 5.99
N GLY C 61 7.81 -19.70 5.09
CA GLY C 61 7.54 -20.68 4.05
C GLY C 61 6.50 -21.72 4.41
N ASN C 62 6.03 -21.69 5.65
CA ASN C 62 5.02 -22.65 6.09
C ASN C 62 3.60 -22.12 5.87
N PHE C 63 2.74 -22.98 5.33
CA PHE C 63 1.34 -22.62 5.11
C PHE C 63 0.58 -23.29 6.27
N VAL C 64 -0.04 -22.49 7.11
CA VAL C 64 -0.71 -23.01 8.30
C VAL C 64 -2.19 -22.66 8.51
N VAL C 65 -2.95 -23.64 9.01
CA VAL C 65 -4.36 -23.42 9.31
C VAL C 65 -4.51 -23.30 10.83
N TYR C 66 -5.01 -22.16 11.29
CA TYR C 66 -5.22 -21.90 12.72
C TYR C 66 -6.71 -21.85 13.05
N ASP C 67 -7.05 -22.20 14.29
CA ASP C 67 -8.45 -22.17 14.70
C ASP C 67 -8.80 -20.81 15.30
N ALA C 68 -10.07 -20.61 15.63
CA ALA C 68 -10.54 -19.35 16.20
C ALA C 68 -9.65 -18.86 17.34
N GLU C 69 -8.97 -19.78 18.01
CA GLU C 69 -8.09 -19.43 19.12
C GLU C 69 -6.72 -18.98 18.66
N GLY C 70 -6.15 -19.75 17.74
CA GLY C 70 -4.83 -19.42 17.23
C GLY C 70 -4.01 -20.68 17.25
N ARG C 71 -4.64 -21.80 17.58
CA ARG C 71 -3.95 -23.08 17.60
C ARG C 71 -3.77 -23.57 16.19
N SER C 72 -2.79 -24.43 16.00
CA SER C 72 -2.51 -24.96 14.68
C SER C 72 -3.12 -26.36 14.50
N LEU C 73 -3.95 -26.50 13.47
CA LEU C 73 -4.60 -27.77 13.18
C LEU C 73 -3.94 -28.45 12.00
N TRP C 74 -3.43 -27.64 11.08
CA TRP C 74 -2.80 -28.19 9.90
C TRP C 74 -1.73 -27.26 9.35
N ALA C 75 -0.76 -27.87 8.68
CA ALA C 75 0.32 -27.11 8.07
C ALA C 75 0.97 -27.94 6.97
N SER C 76 1.57 -27.23 6.03
CA SER C 76 2.25 -27.84 4.89
C SER C 76 3.63 -28.36 5.29
N HIS C 77 4.22 -27.75 6.33
CA HIS C 77 5.54 -28.13 6.82
C HIS C 77 6.57 -27.79 5.77
N SER C 78 6.49 -26.56 5.25
CA SER C 78 7.39 -26.10 4.21
C SER C 78 8.48 -25.22 4.81
N VAL C 79 8.32 -24.86 6.07
CA VAL C 79 9.27 -24.01 6.79
C VAL C 79 10.70 -24.11 6.24
N ARG C 80 11.21 -22.98 5.75
CA ARG C 80 12.54 -22.91 5.18
C ARG C 80 13.26 -21.61 5.52
N GLY C 81 12.98 -21.09 6.72
CA GLY C 81 13.60 -19.86 7.15
C GLY C 81 12.92 -18.65 6.56
N ASN C 82 13.17 -17.49 7.15
CA ASN C 82 12.57 -16.26 6.67
C ASN C 82 12.74 -16.11 5.18
N GLY C 83 11.92 -15.26 4.59
CA GLY C 83 12.00 -15.04 3.16
C GLY C 83 10.72 -14.46 2.58
N ASN C 84 10.58 -14.63 1.27
CA ASN C 84 9.42 -14.17 0.56
C ASN C 84 8.84 -15.34 -0.19
N TYR C 85 7.61 -15.74 0.16
CA TYR C 85 7.01 -16.88 -0.49
C TYR C 85 5.66 -16.57 -1.11
N VAL C 86 5.16 -17.49 -1.92
CA VAL C 86 3.89 -17.28 -2.56
C VAL C 86 3.12 -18.58 -2.80
N LEU C 87 1.84 -18.58 -2.45
CA LEU C 87 1.00 -19.74 -2.69
C LEU C 87 0.14 -19.37 -3.89
N VAL C 88 0.07 -20.25 -4.87
CA VAL C 88 -0.72 -19.96 -6.06
C VAL C 88 -1.56 -21.14 -6.48
N LEU C 89 -2.80 -20.85 -6.87
CA LEU C 89 -3.69 -21.88 -7.37
C LEU C 89 -3.44 -21.75 -8.88
N GLN C 90 -3.01 -22.84 -9.51
CA GLN C 90 -2.69 -22.82 -10.93
C GLN C 90 -3.79 -23.35 -11.85
N GLU C 91 -3.71 -22.93 -13.10
CA GLU C 91 -4.68 -23.35 -14.09
C GLU C 91 -4.53 -24.84 -14.40
N ASP C 92 -3.46 -25.45 -13.90
CA ASP C 92 -3.27 -26.87 -14.12
C ASP C 92 -3.84 -27.70 -12.97
N GLY C 93 -4.58 -27.02 -12.10
CA GLY C 93 -5.20 -27.70 -10.96
C GLY C 93 -4.28 -27.98 -9.79
N ASN C 94 -3.05 -27.49 -9.87
CA ASN C 94 -2.10 -27.72 -8.79
C ASN C 94 -2.00 -26.51 -7.87
N VAL C 95 -1.82 -26.76 -6.58
CA VAL C 95 -1.64 -25.69 -5.61
C VAL C 95 -0.15 -25.79 -5.26
N VAL C 96 0.56 -24.68 -5.44
CA VAL C 96 2.00 -24.67 -5.21
C VAL C 96 2.53 -23.48 -4.43
N ILE C 97 3.54 -23.73 -3.59
CA ILE C 97 4.19 -22.67 -2.82
C ILE C 97 5.57 -22.49 -3.45
N TYR C 98 5.92 -21.27 -3.81
CA TYR C 98 7.21 -20.98 -4.44
C TYR C 98 8.22 -20.32 -3.51
N GLY C 99 9.37 -20.99 -3.39
CA GLY C 99 10.46 -20.59 -2.51
C GLY C 99 11.38 -19.42 -2.70
N SER C 100 11.05 -18.35 -1.98
CA SER C 100 11.78 -17.09 -1.97
C SER C 100 12.08 -16.44 -3.30
N ASP C 101 12.12 -15.11 -3.27
CA ASP C 101 12.38 -14.30 -4.45
C ASP C 101 13.81 -14.43 -4.96
N ILE C 102 13.97 -14.44 -6.28
CA ILE C 102 15.29 -14.53 -6.88
C ILE C 102 15.59 -13.27 -7.68
N TRP C 103 14.54 -12.53 -8.01
CA TRP C 103 14.68 -11.28 -8.76
C TRP C 103 13.46 -10.41 -8.53
N SER C 104 13.67 -9.10 -8.59
CA SER C 104 12.59 -8.17 -8.37
C SER C 104 12.96 -6.87 -9.08
N THR C 105 11.99 -5.99 -9.26
CA THR C 105 12.23 -4.70 -9.90
C THR C 105 12.42 -3.64 -8.82
N GLY C 106 12.16 -4.03 -7.57
CA GLY C 106 12.30 -3.13 -6.43
C GLY C 106 11.44 -1.88 -6.53
N THR C 107 10.26 -2.01 -7.10
CA THR C 107 9.35 -0.90 -7.30
C THR C 107 8.13 -0.97 -6.37
N TYR C 108 8.33 -1.49 -5.17
CA TYR C 108 7.23 -1.66 -4.22
C TYR C 108 6.91 -0.39 -3.44
N LYS C 109 5.62 -0.24 -3.14
CA LYS C 109 5.12 0.93 -2.42
C LYS C 109 4.18 0.47 -1.31
N ARG D 1 -4.22 -10.55 -16.76
CA ARG D 1 -3.50 -11.55 -15.93
C ARG D 1 -2.45 -10.87 -15.06
N ASN D 2 -2.01 -11.58 -14.02
CA ASN D 2 -1.05 -11.02 -13.09
C ASN D 2 0.16 -11.91 -12.88
N ILE D 3 0.21 -13.00 -13.64
CA ILE D 3 1.27 -13.97 -13.44
C ILE D 3 1.81 -14.62 -14.72
N LEU D 4 3.09 -15.00 -14.66
CA LEU D 4 3.77 -15.67 -15.76
C LEU D 4 4.50 -16.89 -15.19
N MET D 5 4.26 -18.05 -15.78
CA MET D 5 4.92 -19.27 -15.35
C MET D 5 5.97 -19.69 -16.37
N ASN D 6 6.70 -20.77 -16.08
CA ASN D 6 7.74 -21.26 -16.97
C ASN D 6 7.35 -21.24 -18.45
N ASP D 7 8.21 -20.67 -19.27
CA ASP D 7 7.99 -20.60 -20.71
C ASP D 7 6.81 -19.76 -21.20
N GLU D 8 6.21 -19.00 -20.29
CA GLU D 8 5.11 -18.12 -20.65
C GLU D 8 5.74 -16.77 -20.94
N GLY D 9 5.08 -15.97 -21.77
CA GLY D 9 5.65 -14.67 -22.07
C GLY D 9 4.65 -13.64 -22.54
N LEU D 10 5.14 -12.43 -22.70
CA LEU D 10 4.32 -11.32 -23.18
C LEU D 10 4.78 -10.94 -24.57
N TYR D 11 3.89 -11.09 -25.54
CA TYR D 11 4.20 -10.70 -26.90
C TYR D 11 3.91 -9.22 -27.04
N ALA D 12 4.32 -8.65 -28.17
CA ALA D 12 4.12 -7.22 -28.42
C ALA D 12 2.66 -6.84 -28.15
N GLY D 13 2.44 -5.86 -27.28
CA GLY D 13 1.08 -5.44 -27.01
C GLY D 13 0.39 -6.06 -25.80
N GLN D 14 0.90 -7.18 -25.30
CA GLN D 14 0.28 -7.83 -24.15
C GLN D 14 0.80 -7.18 -22.88
N SER D 15 0.10 -7.44 -21.78
CA SER D 15 0.49 -6.86 -20.51
C SER D 15 -0.03 -7.65 -19.31
N LEU D 16 0.46 -7.28 -18.12
CA LEU D 16 0.01 -7.86 -16.87
C LEU D 16 -0.61 -6.65 -16.20
N ASP D 17 -1.80 -6.81 -15.64
CA ASP D 17 -2.45 -5.68 -15.02
C ASP D 17 -3.04 -5.90 -13.63
N VAL D 18 -2.58 -5.10 -12.67
CA VAL D 18 -3.12 -5.12 -11.31
C VAL D 18 -3.34 -3.63 -11.12
N GLU D 19 -4.42 -3.19 -11.78
CA GLU D 19 -4.90 -1.82 -11.90
C GLU D 19 -3.93 -0.66 -11.70
N PRO D 20 -3.67 -0.25 -10.44
CA PRO D 20 -2.73 0.87 -10.44
C PRO D 20 -1.45 0.59 -11.25
N TYR D 21 -1.13 -0.68 -11.47
CA TYR D 21 0.08 -1.06 -12.20
C TYR D 21 -0.10 -1.82 -13.50
N HIS D 22 0.82 -1.57 -14.44
CA HIS D 22 0.76 -2.22 -15.75
C HIS D 22 2.15 -2.54 -16.28
N LEU D 23 2.36 -3.80 -16.66
CA LEU D 23 3.62 -4.24 -17.23
C LEU D 23 3.29 -4.59 -18.68
N ILE D 24 3.72 -3.72 -19.58
CA ILE D 24 3.43 -3.85 -21.00
C ILE D 24 4.64 -4.09 -21.89
N MET D 25 4.54 -5.10 -22.75
CA MET D 25 5.60 -5.38 -23.71
C MET D 25 5.10 -4.51 -24.86
N GLN D 26 5.62 -3.30 -24.92
CA GLN D 26 5.23 -2.32 -25.93
C GLN D 26 5.66 -2.65 -27.36
N GLU D 27 4.93 -2.10 -28.31
CA GLU D 27 5.20 -2.31 -29.72
C GLU D 27 6.56 -1.78 -30.17
N ASP D 28 7.20 -0.97 -29.34
CA ASP D 28 8.52 -0.43 -29.68
C ASP D 28 9.65 -1.25 -29.06
N CYS D 29 9.31 -2.48 -28.66
CA CYS D 29 10.27 -3.41 -28.05
C CYS D 29 10.76 -3.05 -26.66
N ASN D 30 10.11 -2.09 -26.03
CA ASN D 30 10.50 -1.68 -24.70
C ASN D 30 9.54 -2.32 -23.68
N LEU D 31 10.08 -3.01 -22.69
CA LEU D 31 9.25 -3.62 -21.65
C LEU D 31 9.22 -2.53 -20.58
N VAL D 32 8.02 -2.16 -20.14
CA VAL D 32 7.88 -1.09 -19.16
C VAL D 32 6.82 -1.32 -18.07
N LEU D 33 7.16 -0.92 -16.84
CA LEU D 33 6.25 -1.03 -15.71
C LEU D 33 5.71 0.36 -15.44
N TYR D 34 4.38 0.49 -15.50
CA TYR D 34 3.73 1.78 -15.26
C TYR D 34 2.97 1.87 -13.94
N ASP D 35 3.11 3.01 -13.29
CA ASP D 35 2.39 3.29 -12.05
C ASP D 35 1.33 4.24 -12.63
N HIS D 36 0.12 3.72 -12.84
CA HIS D 36 -0.93 4.51 -13.44
C HIS D 36 -0.44 4.79 -14.86
N SER D 37 0.05 6.01 -15.07
CA SER D 37 0.55 6.40 -16.39
C SER D 37 2.01 6.84 -16.35
N THR D 38 2.68 6.53 -15.24
CA THR D 38 4.08 6.91 -15.05
C THR D 38 5.02 5.71 -15.09
N ALA D 39 5.97 5.74 -16.02
CA ALA D 39 6.95 4.67 -16.12
C ALA D 39 7.77 4.70 -14.83
N VAL D 40 7.97 3.53 -14.24
CA VAL D 40 8.72 3.40 -13.00
C VAL D 40 9.89 2.44 -13.15
N TRP D 41 9.79 1.55 -14.14
CA TRP D 41 10.83 0.58 -14.41
C TRP D 41 10.80 0.27 -15.90
N THR D 42 11.97 0.03 -16.48
CA THR D 42 12.03 -0.26 -17.89
C THR D 42 13.19 -1.17 -18.28
N THR D 43 13.01 -1.87 -19.38
CA THR D 43 14.01 -2.77 -19.91
C THR D 43 15.03 -1.95 -20.70
N ASN D 44 14.60 -0.76 -21.15
CA ASN D 44 15.46 0.15 -21.90
C ASN D 44 15.84 -0.45 -23.25
N THR D 45 14.94 -1.25 -23.82
CA THR D 45 15.21 -1.88 -25.10
C THR D 45 14.37 -1.36 -26.25
N ASP D 46 14.04 -0.07 -26.21
CA ASP D 46 13.28 0.52 -27.29
C ASP D 46 14.29 0.92 -28.38
N ILE D 47 14.98 -0.08 -28.94
CA ILE D 47 15.96 0.19 -29.98
C ILE D 47 15.24 0.57 -31.26
N PRO D 48 15.68 1.66 -31.92
CA PRO D 48 15.03 2.07 -33.16
C PRO D 48 15.12 0.98 -34.24
N GLY D 49 14.02 0.72 -34.92
CA GLY D 49 14.00 -0.31 -35.96
C GLY D 49 13.69 -1.72 -35.43
N LYS D 50 13.55 -1.83 -34.12
CA LYS D 50 13.26 -3.12 -33.48
C LYS D 50 11.77 -3.21 -33.15
N LYS D 51 11.13 -4.28 -33.59
CA LYS D 51 9.71 -4.48 -33.29
C LYS D 51 9.36 -5.97 -33.20
N GLY D 52 8.16 -6.24 -32.68
CA GLY D 52 7.74 -7.62 -32.54
C GLY D 52 8.55 -8.37 -31.49
N CYS D 53 8.90 -7.68 -30.41
CA CYS D 53 9.67 -8.31 -29.35
C CYS D 53 8.76 -9.05 -28.39
N LYS D 54 9.37 -9.88 -27.55
CA LYS D 54 8.63 -10.63 -26.55
C LYS D 54 9.50 -10.83 -25.31
N ALA D 55 8.85 -10.85 -24.16
CA ALA D 55 9.55 -11.07 -22.89
C ALA D 55 9.13 -12.48 -22.46
N VAL D 56 10.08 -13.29 -22.03
CA VAL D 56 9.77 -14.65 -21.62
C VAL D 56 10.36 -15.05 -20.28
N LEU D 57 9.57 -15.71 -19.46
CA LEU D 57 10.04 -16.21 -18.18
C LEU D 57 10.53 -17.61 -18.58
N GLN D 58 11.80 -17.92 -18.30
CA GLN D 58 12.37 -19.21 -18.68
C GLN D 58 12.49 -20.28 -17.60
N SER D 59 12.70 -21.51 -18.06
CA SER D 59 12.84 -22.68 -17.18
C SER D 59 13.99 -22.51 -16.22
N ASP D 60 15.04 -21.83 -16.66
CA ASP D 60 16.21 -21.61 -15.82
C ASP D 60 16.07 -20.43 -14.87
N GLY D 61 14.90 -19.82 -14.84
CA GLY D 61 14.66 -18.70 -13.94
C GLY D 61 15.02 -17.33 -14.47
N ASN D 62 15.40 -17.28 -15.74
CA ASN D 62 15.80 -16.02 -16.38
C ASN D 62 14.65 -15.34 -17.11
N PHE D 63 14.50 -14.03 -16.92
CA PHE D 63 13.46 -13.26 -17.59
C PHE D 63 14.17 -12.53 -18.74
N VAL D 64 13.82 -12.87 -19.98
CA VAL D 64 14.48 -12.31 -21.16
C VAL D 64 13.61 -11.61 -22.20
N VAL D 65 14.09 -10.47 -22.71
CA VAL D 65 13.40 -9.78 -23.77
C VAL D 65 14.10 -10.22 -25.05
N TYR D 66 13.37 -10.81 -25.99
CA TYR D 66 13.94 -11.27 -27.25
C TYR D 66 13.45 -10.39 -28.40
N ASP D 67 14.26 -10.26 -29.46
CA ASP D 67 13.85 -9.49 -30.61
C ASP D 67 13.19 -10.47 -31.60
N ALA D 68 12.51 -9.95 -32.61
CA ALA D 68 11.83 -10.80 -33.58
C ALA D 68 12.67 -11.98 -34.08
N GLU D 69 13.99 -11.83 -34.07
CA GLU D 69 14.87 -12.90 -34.55
C GLU D 69 15.62 -13.70 -33.48
N GLY D 70 14.94 -14.01 -32.38
CA GLY D 70 15.53 -14.80 -31.31
C GLY D 70 16.72 -14.27 -30.51
N ARG D 71 17.18 -13.05 -30.78
CA ARG D 71 18.30 -12.49 -30.02
C ARG D 71 17.84 -11.74 -28.78
N SER D 72 18.55 -11.97 -27.68
CA SER D 72 18.22 -11.33 -26.42
C SER D 72 18.74 -9.89 -26.40
N LEU D 73 17.87 -8.99 -25.97
CA LEU D 73 18.22 -7.57 -25.87
C LEU D 73 18.43 -7.21 -24.42
N TRP D 74 17.80 -7.98 -23.53
CA TRP D 74 17.88 -7.74 -22.10
C TRP D 74 17.47 -8.99 -21.33
N ALA D 75 18.07 -9.18 -20.17
CA ALA D 75 17.76 -10.32 -19.31
C ALA D 75 17.86 -9.85 -17.87
N SER D 76 17.22 -10.56 -16.96
CA SER D 76 17.27 -10.21 -15.55
C SER D 76 18.53 -10.83 -14.94
N HIS D 77 19.10 -11.79 -15.66
CA HIS D 77 20.31 -12.48 -15.19
C HIS D 77 20.02 -13.18 -13.87
N SER D 78 18.83 -13.76 -13.75
CA SER D 78 18.43 -14.46 -12.54
C SER D 78 18.37 -15.98 -12.80
N VAL D 79 19.34 -16.47 -13.56
CA VAL D 79 19.40 -17.90 -13.88
C VAL D 79 19.69 -18.73 -12.63
N ARG D 80 18.81 -19.67 -12.31
CA ARG D 80 18.98 -20.54 -11.16
C ARG D 80 19.03 -22.01 -11.56
N GLY D 81 18.82 -22.29 -12.84
CA GLY D 81 18.87 -23.65 -13.32
C GLY D 81 17.51 -24.32 -13.38
N ASN D 82 17.50 -25.64 -13.48
CA ASN D 82 16.26 -26.41 -13.54
C ASN D 82 15.34 -26.08 -12.37
N GLY D 83 14.07 -25.89 -12.67
CA GLY D 83 13.11 -25.57 -11.63
C GLY D 83 11.79 -25.02 -12.14
N ASN D 84 10.98 -24.55 -11.19
CA ASN D 84 9.68 -23.98 -11.49
C ASN D 84 9.63 -22.58 -10.91
N TYR D 85 9.43 -21.60 -11.77
CA TYR D 85 9.39 -20.22 -11.33
C TYR D 85 8.09 -19.55 -11.72
N VAL D 86 7.78 -18.46 -11.04
CA VAL D 86 6.60 -17.68 -11.32
C VAL D 86 6.97 -16.20 -11.22
N LEU D 87 6.56 -15.42 -12.20
CA LEU D 87 6.81 -13.99 -12.19
C LEU D 87 5.45 -13.37 -11.91
N VAL D 88 5.40 -12.49 -10.91
CA VAL D 88 4.13 -11.88 -10.55
C VAL D 88 4.16 -10.36 -10.36
N LEU D 89 3.12 -9.70 -10.85
CA LEU D 89 2.95 -8.26 -10.70
C LEU D 89 2.16 -8.19 -9.41
N GLN D 90 2.76 -7.65 -8.36
CA GLN D 90 2.09 -7.56 -7.07
C GLN D 90 1.24 -6.31 -6.85
N GLU D 91 0.32 -6.41 -5.91
CA GLU D 91 -0.56 -5.30 -5.57
C GLU D 91 0.24 -4.14 -4.99
N ASP D 92 1.43 -4.44 -4.49
CA ASP D 92 2.29 -3.40 -3.92
C ASP D 92 3.12 -2.72 -5.01
N GLY D 93 2.86 -3.08 -6.27
CA GLY D 93 3.59 -2.46 -7.38
C GLY D 93 4.92 -3.12 -7.73
N ASN D 94 5.35 -4.09 -6.94
CA ASN D 94 6.61 -4.75 -7.21
C ASN D 94 6.43 -5.97 -8.14
N VAL D 95 7.41 -6.18 -9.01
CA VAL D 95 7.40 -7.32 -9.92
C VAL D 95 8.49 -8.27 -9.40
N VAL D 96 8.06 -9.45 -8.97
CA VAL D 96 8.96 -10.45 -8.38
C VAL D 96 8.92 -11.81 -9.05
N ILE D 97 10.06 -12.50 -9.03
CA ILE D 97 10.19 -13.85 -9.57
C ILE D 97 10.47 -14.75 -8.37
N TYR D 98 9.67 -15.78 -8.16
CA TYR D 98 9.83 -16.65 -7.01
C TYR D 98 10.56 -17.98 -7.29
N GLY D 99 11.66 -18.17 -6.55
CA GLY D 99 12.57 -19.31 -6.70
C GLY D 99 12.23 -20.74 -6.40
N SER D 100 11.81 -21.46 -7.43
CA SER D 100 11.43 -22.87 -7.35
C SER D 100 10.44 -23.27 -6.25
N ASP D 101 9.73 -24.35 -6.51
CA ASP D 101 8.70 -24.86 -5.59
C ASP D 101 9.22 -25.55 -4.34
N ILE D 102 8.64 -25.19 -3.19
CA ILE D 102 9.04 -25.79 -1.93
C ILE D 102 7.93 -26.70 -1.38
N TRP D 103 6.78 -26.72 -2.03
CA TRP D 103 5.68 -27.58 -1.58
C TRP D 103 4.50 -27.47 -2.52
N SER D 104 3.72 -28.54 -2.60
CA SER D 104 2.54 -28.56 -3.43
C SER D 104 1.65 -29.75 -3.11
N THR D 105 0.39 -29.61 -3.50
CA THR D 105 -0.60 -30.64 -3.28
C THR D 105 -0.36 -31.79 -4.27
N ASN D 106 0.37 -31.48 -5.35
CA ASN D 106 0.68 -32.46 -6.39
C ASN D 106 -0.59 -32.94 -7.07
N THR D 107 -1.55 -32.03 -7.22
CA THR D 107 -2.83 -32.36 -7.83
C THR D 107 -2.98 -31.88 -9.27
N TYR D 108 -1.87 -31.74 -9.99
CA TYR D 108 -1.94 -31.26 -11.37
C TYR D 108 -2.74 -32.14 -12.33
N LYS D 109 -3.34 -31.49 -13.32
CA LYS D 109 -4.13 -32.14 -14.37
C LYS D 109 -3.28 -32.30 -15.62
#